data_1RCT
#
_entry.id   1RCT
#
_cell.length_a   140.990
_cell.length_b   140.990
_cell.length_c   161.130
_cell.angle_alpha   90.00
_cell.angle_beta   90.00
_cell.angle_gamma   120.00
#
_symmetry.space_group_name_H-M   'H 3 2'
#
loop_
_entity.id
_entity.type
_entity.pdbx_description
1 polymer 'Purine nucleoside phosphorylase'
2 non-polymer 'SULFATE ION'
3 non-polymer INOSINE
4 water water
#
_entity_poly.entity_id   1
_entity_poly.type   'polypeptide(L)'
_entity_poly.pdbx_seq_one_letter_code
;ENGYTYEDYKNTAEWLLSHTKHRPQVAIICGSGLGGLTDKLTQAQIFDYSEIPNFPRSTVPGHAGRLVFGFLNGRACVMM
QGRFHMYEGYPLWKVTFPVRVFHLLGVDTLVVTNAAGGLNPKFEVGDIMLIRDHINLPGFSGQNPLRGPNDERFGDRFPA
MSDAYDRTMRQRALSTWKQMGEQRELQEGTYVMVAGPSFETVAECRVLQKLGADAVGMSTVPEVIVARHCGLRVFGFSLI
TNKVIMDYESLEKANHEEVLAAGKQAAQKLEQFVSILMASIPLPDKAS
;
_entity_poly.pdbx_strand_id   E
#
# COMPACT_ATOMS: atom_id res chain seq x y z
N GLU A 1 -4.54 -2.02 18.61
CA GLU A 1 -4.89 -0.59 18.79
C GLU A 1 -3.83 0.23 19.58
N ASN A 2 -3.35 -0.33 20.71
CA ASN A 2 -2.35 0.27 21.66
C ASN A 2 -1.59 1.54 21.26
N GLY A 3 -1.17 2.32 22.24
CA GLY A 3 -0.43 3.52 21.93
C GLY A 3 -1.29 4.74 21.58
N TYR A 4 -2.32 4.54 20.78
CA TYR A 4 -3.17 5.67 20.41
C TYR A 4 -4.59 5.51 20.94
N THR A 5 -5.21 6.60 21.39
CA THR A 5 -6.56 6.51 21.87
C THR A 5 -7.42 6.89 20.68
N TYR A 6 -8.73 6.68 20.76
CA TYR A 6 -9.59 7.04 19.65
C TYR A 6 -9.46 8.51 19.34
N GLU A 7 -9.49 9.29 20.40
CA GLU A 7 -9.37 10.71 20.25
C GLU A 7 -8.03 11.15 19.71
N ASP A 8 -7.05 10.26 19.67
CA ASP A 8 -5.74 10.62 19.12
C ASP A 8 -5.98 10.73 17.64
N TYR A 9 -6.71 9.75 17.10
CA TYR A 9 -7.02 9.71 15.67
C TYR A 9 -7.95 10.87 15.35
N LYS A 10 -8.95 11.10 16.20
CA LYS A 10 -9.85 12.22 15.94
C LYS A 10 -9.09 13.56 15.92
N ASN A 11 -8.25 13.82 16.91
CA ASN A 11 -7.52 15.08 16.93
C ASN A 11 -6.63 15.24 15.72
N THR A 12 -6.01 14.16 15.27
CA THR A 12 -5.15 14.30 14.11
C THR A 12 -5.97 14.62 12.87
N ALA A 13 -7.05 13.87 12.64
CA ALA A 13 -7.95 14.05 11.48
C ALA A 13 -8.56 15.44 11.44
N GLU A 14 -9.10 15.87 12.58
CA GLU A 14 -9.68 17.20 12.69
C GLU A 14 -8.58 18.22 12.38
N TRP A 15 -7.41 18.10 13.01
CA TRP A 15 -6.32 19.04 12.74
C TRP A 15 -6.04 19.11 11.26
N LEU A 16 -6.01 17.95 10.64
CA LEU A 16 -5.75 17.93 9.23
C LEU A 16 -6.88 18.68 8.53
N LEU A 17 -8.13 18.34 8.84
CA LEU A 17 -9.26 19.00 8.21
C LEU A 17 -9.13 20.51 8.28
N SER A 18 -8.97 21.04 9.49
CA SER A 18 -8.84 22.47 9.62
C SER A 18 -7.55 23.01 9.05
N HIS A 19 -6.82 22.22 8.29
CA HIS A 19 -5.56 22.70 7.72
C HIS A 19 -5.42 22.57 6.24
N THR A 20 -6.42 21.97 5.60
CA THR A 20 -6.40 21.80 4.16
C THR A 20 -7.86 21.94 3.77
N LYS A 21 -8.14 22.64 2.67
CA LYS A 21 -9.53 22.80 2.26
C LYS A 21 -9.95 21.50 1.60
N HIS A 22 -8.96 20.66 1.32
CA HIS A 22 -9.17 19.37 0.71
C HIS A 22 -9.86 18.40 1.65
N ARG A 23 -10.80 17.64 1.11
CA ARG A 23 -11.53 16.62 1.85
C ARG A 23 -11.34 15.44 0.92
N PRO A 24 -10.38 14.57 1.21
CA PRO A 24 -10.12 13.43 0.34
C PRO A 24 -11.12 12.30 0.36
N GLN A 25 -11.10 11.55 -0.74
CA GLN A 25 -11.96 10.38 -0.93
C GLN A 25 -11.06 9.20 -1.17
N VAL A 26 -9.91 9.43 -1.76
CA VAL A 26 -9.02 8.31 -1.99
C VAL A 26 -7.63 8.50 -1.40
N ALA A 27 -7.19 7.53 -0.59
CA ALA A 27 -5.88 7.60 0.03
C ALA A 27 -5.00 6.69 -0.79
N ILE A 28 -3.83 7.15 -1.18
CA ILE A 28 -2.93 6.28 -1.95
C ILE A 28 -1.61 6.19 -1.18
N ILE A 29 -1.14 4.97 -0.95
CA ILE A 29 0.10 4.77 -0.24
C ILE A 29 1.12 4.33 -1.26
N CYS A 30 2.09 5.20 -1.58
CA CYS A 30 3.11 4.90 -2.57
C CYS A 30 4.30 4.09 -2.05
N GLY A 31 4.61 2.98 -2.71
CA GLY A 31 5.72 2.15 -2.30
C GLY A 31 7.04 2.67 -2.85
N SER A 32 8.12 1.95 -2.58
CA SER A 32 9.44 2.36 -3.05
C SER A 32 9.58 2.46 -4.56
N GLY A 33 9.85 3.69 -5.00
CA GLY A 33 10.03 3.97 -6.42
C GLY A 33 8.78 4.48 -7.11
N LEU A 34 7.66 4.39 -6.44
CA LEU A 34 6.40 4.82 -7.04
C LEU A 34 5.95 6.14 -6.37
N GLY A 35 6.89 6.78 -5.70
CA GLY A 35 6.58 8.03 -5.03
C GLY A 35 6.29 9.21 -5.94
N GLY A 36 6.55 9.05 -7.24
CA GLY A 36 6.30 10.12 -8.22
C GLY A 36 4.85 10.46 -8.53
N LEU A 37 3.94 9.56 -8.20
CA LEU A 37 2.53 9.80 -8.40
C LEU A 37 2.09 11.06 -7.68
N THR A 38 2.92 11.57 -6.80
CA THR A 38 2.59 12.80 -6.08
C THR A 38 2.74 13.97 -7.05
N ASP A 39 3.57 13.77 -8.07
CA ASP A 39 3.81 14.79 -9.09
C ASP A 39 2.57 15.05 -9.94
N LYS A 40 1.66 14.09 -9.91
CA LYS A 40 0.46 14.18 -10.72
C LYS A 40 -0.76 14.76 -10.00
N LEU A 41 -0.55 15.28 -8.80
CA LEU A 41 -1.64 15.88 -8.03
C LEU A 41 -1.83 17.31 -8.56
N THR A 42 -2.96 17.90 -8.24
CA THR A 42 -3.21 19.28 -8.62
C THR A 42 -3.76 19.91 -7.38
N GLN A 43 -3.41 21.16 -7.18
CA GLN A 43 -3.84 21.85 -5.98
C GLN A 43 -3.22 21.06 -4.83
N ALA A 44 -2.01 20.55 -5.06
CA ALA A 44 -1.29 19.77 -4.05
C ALA A 44 -1.01 20.57 -2.77
N GLN A 45 -1.31 19.99 -1.63
CA GLN A 45 -1.06 20.67 -0.37
C GLN A 45 -0.23 19.70 0.48
N ILE A 46 1.07 19.95 0.50
CA ILE A 46 2.05 19.13 1.22
C ILE A 46 2.17 19.33 2.74
N PHE A 47 2.35 18.24 3.47
CA PHE A 47 2.53 18.27 4.92
C PHE A 47 3.58 17.23 5.25
N ASP A 48 4.44 17.55 6.21
CA ASP A 48 5.44 16.61 6.70
C ASP A 48 4.72 15.82 7.77
N TYR A 49 5.04 14.54 7.89
CA TYR A 49 4.41 13.71 8.91
C TYR A 49 4.54 14.41 10.26
N SER A 50 5.72 14.98 10.45
CA SER A 50 6.03 15.67 11.68
C SER A 50 5.18 16.90 12.00
N GLU A 51 4.76 17.65 11.00
CA GLU A 51 3.92 18.80 11.27
C GLU A 51 2.59 18.31 11.83
N ILE A 52 2.18 17.13 11.36
CA ILE A 52 0.91 16.53 11.73
C ILE A 52 0.96 15.87 13.09
N PRO A 53 0.12 16.36 14.00
CA PRO A 53 -0.07 15.96 15.38
C PRO A 53 0.34 14.63 15.93
N ASN A 54 -0.22 13.52 15.52
CA ASN A 54 0.27 12.31 16.18
C ASN A 54 0.97 11.41 15.21
N PHE A 55 1.25 11.93 14.02
CA PHE A 55 1.85 11.19 12.93
C PHE A 55 3.30 10.69 13.08
N PRO A 56 3.51 9.37 12.98
CA PRO A 56 4.88 8.89 13.12
C PRO A 56 5.82 9.62 12.17
N ARG A 57 6.89 10.22 12.69
CA ARG A 57 7.89 10.88 11.85
C ARG A 57 8.63 9.73 11.17
N SER A 58 9.42 10.01 10.13
CA SER A 58 10.17 8.97 9.42
C SER A 58 11.58 8.77 10.02
N THR A 59 12.04 7.52 10.16
CA THR A 59 13.37 7.21 10.75
C THR A 59 14.64 7.73 10.03
N VAL A 60 14.56 7.91 8.71
CA VAL A 60 15.70 8.40 7.94
C VAL A 60 15.26 9.51 6.99
N PRO A 61 14.15 9.31 6.24
CA PRO A 61 13.62 10.29 5.28
C PRO A 61 13.15 11.71 5.66
N GLY A 62 14.12 12.53 6.10
CA GLY A 62 13.92 13.95 6.38
C GLY A 62 14.15 14.58 4.99
N HIS A 63 14.34 13.65 4.05
CA HIS A 63 14.56 13.84 2.62
C HIS A 63 13.14 14.01 2.03
N ALA A 64 12.28 13.01 2.25
CA ALA A 64 10.88 13.05 1.76
C ALA A 64 9.92 12.04 2.40
N GLY A 65 9.58 12.27 3.66
CA GLY A 65 8.60 11.43 4.31
C GLY A 65 7.47 12.44 4.44
N ARG A 66 6.44 12.40 3.59
CA ARG A 66 5.34 13.38 3.68
C ARG A 66 3.96 12.97 3.13
N LEU A 67 2.96 13.77 3.47
CA LEU A 67 1.58 13.49 3.09
C LEU A 67 1.10 14.65 2.21
N VAL A 68 0.77 14.37 0.94
CA VAL A 68 0.31 15.39 -0.01
C VAL A 68 -1.16 15.25 -0.41
N PHE A 69 -1.93 16.32 -0.33
CA PHE A 69 -3.33 16.26 -0.75
C PHE A 69 -3.42 16.91 -2.15
N GLY A 70 -4.49 16.64 -2.88
CA GLY A 70 -4.66 17.22 -4.20
C GLY A 70 -5.73 16.46 -4.95
N PHE A 71 -5.85 16.67 -6.25
CA PHE A 71 -6.84 15.98 -7.05
C PHE A 71 -6.08 15.22 -8.08
N LEU A 72 -6.46 13.97 -8.31
CA LEU A 72 -5.78 13.21 -9.34
C LEU A 72 -6.86 12.62 -10.22
N ASN A 73 -6.85 13.05 -11.48
CA ASN A 73 -7.80 12.55 -12.47
C ASN A 73 -9.24 12.58 -11.96
N GLY A 74 -9.60 13.71 -11.38
CA GLY A 74 -10.96 13.87 -10.89
C GLY A 74 -11.27 13.17 -9.60
N ARG A 75 -10.25 12.88 -8.80
CA ARG A 75 -10.46 12.24 -7.51
C ARG A 75 -9.77 13.05 -6.46
N ALA A 76 -10.49 13.25 -5.36
CA ALA A 76 -9.94 13.98 -4.23
C ALA A 76 -9.09 12.94 -3.49
N CYS A 77 -7.77 13.12 -3.56
CA CYS A 77 -6.82 12.21 -2.95
C CYS A 77 -6.06 12.79 -1.80
N VAL A 78 -5.14 11.95 -1.31
CA VAL A 78 -4.19 12.22 -0.24
C VAL A 78 -3.21 11.07 -0.37
N MET A 79 -1.94 11.41 -0.60
CA MET A 79 -0.95 10.37 -0.78
C MET A 79 0.16 10.40 0.25
N MET A 80 0.61 9.21 0.59
CA MET A 80 1.68 9.04 1.51
C MET A 80 2.92 8.83 0.65
N GLN A 81 3.86 9.77 0.69
CA GLN A 81 5.08 9.58 -0.06
C GLN A 81 6.05 9.05 0.97
N GLY A 82 6.28 7.74 0.92
CA GLY A 82 7.16 7.11 1.88
C GLY A 82 6.33 6.54 3.02
N ARG A 83 6.14 5.23 3.03
CA ARG A 83 5.34 4.61 4.06
C ARG A 83 6.16 4.11 5.25
N PHE A 84 5.48 3.67 6.31
CA PHE A 84 6.15 3.16 7.50
C PHE A 84 6.22 1.64 7.35
N HIS A 85 7.33 1.07 7.82
CA HIS A 85 7.60 -0.36 7.74
C HIS A 85 7.98 -0.92 9.14
N MET A 86 7.64 -2.18 9.38
CA MET A 86 7.95 -2.84 10.65
C MET A 86 9.49 -2.87 10.86
N TYR A 87 10.23 -3.30 9.87
CA TYR A 87 11.69 -3.34 10.00
C TYR A 87 12.34 -2.04 10.43
N GLU A 88 11.64 -0.92 10.36
CA GLU A 88 12.29 0.31 10.81
C GLU A 88 12.04 0.48 12.30
N GLY A 89 11.25 -0.41 12.90
CA GLY A 89 10.97 -0.31 14.31
C GLY A 89 9.57 0.12 14.68
N TYR A 90 8.77 0.53 13.70
CA TYR A 90 7.43 0.93 13.99
C TYR A 90 6.55 -0.23 14.44
N PRO A 91 5.89 -0.06 15.57
CA PRO A 91 5.00 -1.09 16.08
C PRO A 91 3.94 -1.06 15.01
N LEU A 92 3.30 -2.17 14.69
CA LEU A 92 2.26 -2.10 13.66
C LEU A 92 1.15 -1.08 13.92
N TRP A 93 0.92 -0.69 15.15
CA TRP A 93 -0.13 0.27 15.40
C TRP A 93 0.29 1.68 15.06
N LYS A 94 1.56 1.84 14.64
CA LYS A 94 2.12 3.14 14.23
C LYS A 94 2.15 3.14 12.71
N VAL A 95 2.58 2.01 12.15
CA VAL A 95 2.65 1.82 10.72
C VAL A 95 1.31 2.12 10.07
N THR A 96 0.22 1.71 10.72
CA THR A 96 -1.13 1.90 10.21
C THR A 96 -1.89 3.12 10.68
N PHE A 97 -1.34 3.87 11.64
CA PHE A 97 -1.99 5.09 12.12
C PHE A 97 -2.59 5.87 10.94
N PRO A 98 -1.80 6.12 9.90
CA PRO A 98 -2.30 6.85 8.75
C PRO A 98 -3.68 6.41 8.33
N VAL A 99 -3.86 5.11 8.12
CA VAL A 99 -5.16 4.62 7.66
C VAL A 99 -6.33 5.01 8.56
N ARG A 100 -6.18 4.88 9.88
CA ARG A 100 -7.25 5.25 10.78
C ARG A 100 -7.56 6.75 10.68
N VAL A 101 -6.56 7.54 10.32
CA VAL A 101 -6.76 8.99 10.14
C VAL A 101 -7.49 9.18 8.83
N PHE A 102 -6.99 8.56 7.76
CA PHE A 102 -7.61 8.65 6.44
C PHE A 102 -9.11 8.39 6.52
N HIS A 103 -9.52 7.36 7.25
CA HIS A 103 -10.93 7.04 7.41
C HIS A 103 -11.65 8.26 8.00
N LEU A 104 -11.21 8.75 9.15
CA LEU A 104 -11.83 9.89 9.81
C LEU A 104 -11.82 11.17 8.93
N LEU A 105 -10.93 11.22 7.94
CA LEU A 105 -10.80 12.35 7.03
C LEU A 105 -11.91 12.27 6.04
N GLY A 106 -12.45 11.06 5.87
CA GLY A 106 -13.53 10.84 4.93
C GLY A 106 -13.17 9.92 3.77
N VAL A 107 -11.95 9.40 3.79
CA VAL A 107 -11.44 8.48 2.77
C VAL A 107 -12.33 7.25 2.76
N ASP A 108 -12.69 6.79 1.58
CA ASP A 108 -13.53 5.60 1.50
C ASP A 108 -12.87 4.54 0.66
N THR A 109 -11.70 4.83 0.15
CA THR A 109 -10.99 3.87 -0.68
C THR A 109 -9.50 4.07 -0.39
N LEU A 110 -8.74 2.96 -0.41
CA LEU A 110 -7.32 3.04 -0.19
C LEU A 110 -6.65 2.21 -1.24
N VAL A 111 -5.80 2.82 -2.05
CA VAL A 111 -5.07 2.05 -3.05
C VAL A 111 -3.64 2.01 -2.48
N VAL A 112 -3.09 0.81 -2.34
CA VAL A 112 -1.77 0.62 -1.76
C VAL A 112 -0.84 0.02 -2.78
N THR A 113 0.39 0.50 -2.86
CA THR A 113 1.34 -0.05 -3.81
C THR A 113 2.61 -0.40 -3.03
N ASN A 114 3.42 -1.28 -3.57
CA ASN A 114 4.65 -1.65 -2.92
C ASN A 114 5.57 -2.29 -3.95
N ALA A 115 6.82 -2.50 -3.60
CA ALA A 115 7.75 -3.15 -4.51
C ALA A 115 7.88 -4.53 -3.90
N ALA A 116 7.77 -5.57 -4.69
CA ALA A 116 7.86 -6.89 -4.13
C ALA A 116 8.81 -7.67 -4.97
N GLY A 117 9.25 -8.80 -4.44
CA GLY A 117 10.16 -9.66 -5.14
C GLY A 117 9.26 -10.66 -5.81
N GLY A 118 9.76 -11.36 -6.82
CA GLY A 118 8.97 -12.32 -7.55
C GLY A 118 9.27 -13.73 -7.14
N LEU A 119 8.24 -14.47 -6.79
CA LEU A 119 8.37 -15.86 -6.39
C LEU A 119 7.81 -16.67 -7.53
N ASN A 120 6.67 -16.26 -8.07
CA ASN A 120 6.09 -16.97 -9.20
C ASN A 120 7.01 -16.68 -10.39
N PRO A 121 7.57 -17.74 -10.99
CA PRO A 121 8.50 -17.63 -12.14
C PRO A 121 7.95 -16.91 -13.37
N LYS A 122 6.63 -16.98 -13.56
CA LYS A 122 5.98 -16.32 -14.67
C LYS A 122 6.35 -14.87 -14.65
N PHE A 123 6.48 -14.31 -13.44
CA PHE A 123 6.80 -12.89 -13.27
C PHE A 123 8.12 -12.46 -13.88
N GLU A 124 8.11 -11.24 -14.41
CA GLU A 124 9.26 -10.67 -15.10
C GLU A 124 9.51 -9.45 -14.27
N VAL A 125 10.77 -9.10 -14.01
CA VAL A 125 11.00 -7.90 -13.22
C VAL A 125 10.39 -6.79 -14.04
N GLY A 126 9.75 -5.86 -13.39
CA GLY A 126 9.09 -4.79 -14.12
C GLY A 126 7.62 -5.09 -14.08
N ASP A 127 7.27 -6.37 -14.09
CA ASP A 127 5.88 -6.77 -14.03
C ASP A 127 5.15 -6.07 -12.93
N ILE A 128 3.88 -5.85 -13.13
CA ILE A 128 3.04 -5.21 -12.15
C ILE A 128 2.07 -6.28 -11.77
N MET A 129 2.10 -6.70 -10.51
CA MET A 129 1.19 -7.72 -10.04
C MET A 129 0.04 -7.13 -9.25
N LEU A 130 -1.17 -7.44 -9.71
CA LEU A 130 -2.40 -6.97 -9.07
C LEU A 130 -2.46 -7.87 -7.85
N ILE A 131 -2.76 -7.30 -6.69
CA ILE A 131 -2.83 -8.11 -5.48
C ILE A 131 -4.26 -8.65 -5.30
N ARG A 132 -4.41 -9.97 -5.46
CA ARG A 132 -5.70 -10.68 -5.32
C ARG A 132 -5.93 -11.18 -3.89
N ASP A 133 -4.84 -11.55 -3.21
CA ASP A 133 -4.86 -12.07 -1.82
C ASP A 133 -3.50 -11.84 -1.16
N HIS A 134 -3.42 -12.09 0.16
CA HIS A 134 -2.17 -11.93 0.89
C HIS A 134 -1.97 -13.04 1.91
N ILE A 135 -0.72 -13.35 2.24
CA ILE A 135 -0.41 -14.33 3.29
C ILE A 135 0.29 -13.45 4.32
N ASN A 136 -0.36 -13.26 5.46
CA ASN A 136 0.13 -12.37 6.50
C ASN A 136 0.99 -13.11 7.49
N LEU A 137 2.21 -13.47 7.10
CA LEU A 137 3.10 -14.20 7.97
C LEU A 137 3.25 -13.57 9.37
N PRO A 138 3.59 -12.28 9.49
CA PRO A 138 3.70 -11.72 10.85
C PRO A 138 2.41 -11.85 11.65
N GLY A 139 1.26 -11.62 11.01
CA GLY A 139 0.00 -11.76 11.72
C GLY A 139 -0.23 -13.13 12.34
N PHE A 140 0.13 -14.19 11.63
CA PHE A 140 -0.02 -15.55 12.15
C PHE A 140 0.57 -15.62 13.56
N SER A 141 1.59 -14.80 13.84
CA SER A 141 2.26 -14.81 15.15
C SER A 141 2.02 -13.66 16.11
N GLY A 142 0.93 -12.91 15.90
CA GLY A 142 0.57 -11.82 16.79
C GLY A 142 0.82 -10.46 16.19
N GLN A 143 1.72 -10.42 15.22
CA GLN A 143 2.07 -9.16 14.57
C GLN A 143 0.99 -8.75 13.63
N ASN A 144 -0.17 -8.46 14.22
CA ASN A 144 -1.36 -8.05 13.50
C ASN A 144 -1.73 -6.70 14.08
N PRO A 145 -1.97 -5.69 13.21
CA PRO A 145 -2.34 -4.32 13.54
C PRO A 145 -3.56 -4.13 14.44
N LEU A 146 -4.45 -5.11 14.40
CA LEU A 146 -5.66 -5.08 15.19
C LEU A 146 -5.48 -5.64 16.61
N ARG A 147 -4.26 -5.93 17.04
CA ARG A 147 -4.04 -6.54 18.37
C ARG A 147 -4.30 -5.56 19.50
N GLY A 148 -4.97 -6.02 20.53
CA GLY A 148 -5.29 -5.14 21.63
C GLY A 148 -6.80 -4.90 21.64
N PRO A 149 -7.25 -4.02 22.53
CA PRO A 149 -8.66 -3.68 22.67
C PRO A 149 -9.20 -3.20 21.34
N ASN A 150 -10.44 -3.58 20.99
CA ASN A 150 -11.08 -3.18 19.72
C ASN A 150 -12.04 -2.03 19.85
N ASP A 151 -12.02 -1.13 18.86
CA ASP A 151 -12.91 0.01 18.94
C ASP A 151 -14.04 -0.16 17.98
N GLU A 152 -15.21 -0.44 18.51
CA GLU A 152 -16.36 -0.65 17.66
C GLU A 152 -16.68 0.59 16.81
N ARG A 153 -16.05 1.73 17.11
CA ARG A 153 -16.28 2.94 16.31
C ARG A 153 -15.50 2.87 15.01
N PHE A 154 -14.59 1.91 14.96
CA PHE A 154 -13.76 1.70 13.79
C PHE A 154 -14.22 0.45 13.12
N GLY A 155 -14.50 -0.59 13.92
CA GLY A 155 -14.93 -1.86 13.34
C GLY A 155 -15.16 -2.98 14.34
N ASP A 156 -15.26 -4.20 13.83
CA ASP A 156 -15.52 -5.34 14.70
C ASP A 156 -14.27 -5.97 15.29
N ARG A 157 -14.46 -6.82 16.28
CA ARG A 157 -13.35 -7.51 16.90
C ARG A 157 -12.69 -8.40 15.87
N PHE A 158 -13.49 -9.26 15.25
CA PHE A 158 -13.00 -10.24 14.29
C PHE A 158 -13.34 -9.95 12.82
N PRO A 159 -12.71 -8.94 12.21
CA PRO A 159 -13.01 -8.66 10.81
C PRO A 159 -12.48 -9.74 9.91
N ALA A 160 -13.08 -9.82 8.74
CA ALA A 160 -12.68 -10.82 7.77
C ALA A 160 -11.84 -10.21 6.69
N MET A 161 -10.83 -10.97 6.32
CA MET A 161 -9.93 -10.54 5.30
C MET A 161 -10.17 -11.46 4.12
N SER A 162 -11.11 -12.39 4.28
CA SER A 162 -11.45 -13.32 3.21
C SER A 162 -11.54 -12.54 1.91
N ASP A 163 -12.17 -11.36 1.99
CA ASP A 163 -12.40 -10.48 0.84
C ASP A 163 -11.73 -9.09 0.85
N ALA A 164 -10.46 -8.96 1.25
CA ALA A 164 -9.86 -7.63 1.33
C ALA A 164 -9.62 -6.85 0.04
N TYR A 165 -9.06 -7.51 -0.96
CA TYR A 165 -8.77 -6.81 -2.20
C TYR A 165 -10.00 -6.75 -3.10
N ASP A 166 -10.73 -5.65 -2.99
CA ASP A 166 -11.95 -5.43 -3.77
C ASP A 166 -11.93 -6.10 -5.15
N ARG A 167 -12.94 -6.95 -5.34
CA ARG A 167 -13.15 -7.70 -6.57
C ARG A 167 -13.37 -6.76 -7.76
N THR A 168 -14.37 -5.89 -7.63
CA THR A 168 -14.71 -4.93 -8.69
C THR A 168 -13.50 -4.25 -9.30
N MET A 169 -12.76 -3.55 -8.45
CA MET A 169 -11.59 -2.82 -8.88
C MET A 169 -10.56 -3.73 -9.55
N ARG A 170 -10.61 -5.02 -9.28
CA ARG A 170 -9.64 -5.88 -9.93
C ARG A 170 -10.02 -6.11 -11.38
N GLN A 171 -11.32 -6.14 -11.65
CA GLN A 171 -11.79 -6.32 -13.02
C GLN A 171 -11.37 -5.03 -13.73
N ARG A 172 -11.82 -3.91 -13.17
CA ARG A 172 -11.53 -2.58 -13.68
C ARG A 172 -10.04 -2.38 -14.00
N ALA A 173 -9.17 -2.94 -13.20
CA ALA A 173 -7.76 -2.78 -13.44
C ALA A 173 -7.35 -3.69 -14.58
N LEU A 174 -7.88 -4.92 -14.56
CA LEU A 174 -7.58 -5.90 -15.60
C LEU A 174 -7.93 -5.31 -16.95
N SER A 175 -9.10 -4.68 -16.99
CA SER A 175 -9.58 -4.04 -18.19
C SER A 175 -8.86 -2.73 -18.49
N THR A 176 -8.88 -1.75 -17.58
CA THR A 176 -8.17 -0.48 -17.80
C THR A 176 -6.79 -0.76 -18.39
N TRP A 177 -6.22 -1.90 -18.03
CA TRP A 177 -4.90 -2.28 -18.52
C TRP A 177 -5.02 -2.43 -20.03
N LYS A 178 -6.02 -3.21 -20.43
CA LYS A 178 -6.35 -3.50 -21.82
C LYS A 178 -6.78 -2.21 -22.55
N GLN A 179 -7.59 -1.37 -21.90
CA GLN A 179 -8.03 -0.11 -22.52
C GLN A 179 -6.77 0.54 -23.08
N MET A 180 -5.77 0.63 -22.21
CA MET A 180 -4.50 1.23 -22.55
C MET A 180 -3.83 0.38 -23.62
N GLY A 181 -4.23 -0.89 -23.72
CA GLY A 181 -3.65 -1.80 -24.71
C GLY A 181 -2.14 -1.86 -24.51
N GLU A 182 -1.70 -2.31 -23.33
CA GLU A 182 -0.27 -2.30 -23.04
C GLU A 182 0.66 -3.51 -23.17
N GLN A 183 0.55 -4.24 -24.28
CA GLN A 183 1.42 -5.40 -24.52
C GLN A 183 1.30 -6.48 -23.44
N ARG A 184 2.26 -6.47 -22.51
CA ARG A 184 2.30 -7.45 -21.41
C ARG A 184 1.10 -7.24 -20.48
N GLU A 185 0.41 -8.33 -20.13
CA GLU A 185 -0.75 -8.22 -19.26
C GLU A 185 -0.41 -8.05 -17.77
N LEU A 186 -1.17 -7.15 -17.15
CA LEU A 186 -1.07 -6.85 -15.74
C LEU A 186 -1.24 -8.16 -15.03
N GLN A 187 -0.21 -8.54 -14.28
CA GLN A 187 -0.24 -9.80 -13.55
C GLN A 187 -1.22 -9.73 -12.36
N GLU A 188 -1.34 -10.83 -11.62
CA GLU A 188 -2.25 -10.92 -10.48
C GLU A 188 -1.90 -12.15 -9.65
N GLY A 189 -1.90 -12.03 -8.33
CA GLY A 189 -1.55 -13.18 -7.52
C GLY A 189 -1.65 -12.92 -6.04
N THR A 190 -0.89 -13.70 -5.27
CA THR A 190 -0.87 -13.63 -3.81
C THR A 190 0.43 -12.99 -3.28
N TYR A 191 0.27 -12.01 -2.41
CA TYR A 191 1.36 -11.25 -1.81
C TYR A 191 1.64 -11.74 -0.39
N VAL A 192 2.87 -12.16 -0.12
CA VAL A 192 3.25 -12.62 1.21
C VAL A 192 4.05 -11.57 1.97
N MET A 193 3.55 -11.05 3.09
CA MET A 193 4.33 -10.06 3.87
C MET A 193 5.36 -10.84 4.66
N VAL A 194 6.48 -10.20 4.91
CA VAL A 194 7.58 -10.83 5.59
C VAL A 194 8.25 -9.57 6.16
N ALA A 195 8.71 -9.58 7.41
CA ALA A 195 9.35 -8.40 8.01
C ALA A 195 10.89 -8.41 7.85
N GLY A 196 11.61 -8.14 8.96
CA GLY A 196 13.08 -8.16 9.01
C GLY A 196 13.69 -7.51 7.82
N PRO A 197 14.57 -6.54 7.97
CA PRO A 197 15.10 -5.94 6.74
C PRO A 197 15.90 -6.83 5.77
N SER A 198 16.50 -7.91 6.21
CA SER A 198 17.29 -8.70 5.26
C SER A 198 16.47 -9.40 4.19
N PHE A 199 17.11 -9.74 3.08
CA PHE A 199 16.43 -10.41 1.98
C PHE A 199 16.44 -11.89 2.23
N GLU A 200 15.56 -12.61 1.55
CA GLU A 200 15.38 -14.05 1.72
C GLU A 200 16.58 -14.89 1.33
N THR A 201 16.57 -16.15 1.73
CA THR A 201 17.64 -17.04 1.36
C THR A 201 16.96 -18.00 0.40
N VAL A 202 17.71 -18.73 -0.42
CA VAL A 202 17.10 -19.65 -1.37
C VAL A 202 16.07 -20.55 -0.70
N ALA A 203 16.41 -21.04 0.48
CA ALA A 203 15.53 -21.93 1.20
C ALA A 203 14.27 -21.26 1.70
N GLU A 204 14.39 -20.04 2.21
CA GLU A 204 13.20 -19.29 2.69
C GLU A 204 12.34 -19.05 1.44
N CYS A 205 13.01 -18.67 0.37
CA CYS A 205 12.41 -18.40 -0.93
C CYS A 205 11.55 -19.55 -1.38
N ARG A 206 12.02 -20.77 -1.16
CA ARG A 206 11.26 -21.95 -1.51
C ARG A 206 10.10 -22.22 -0.55
N VAL A 207 10.20 -21.80 0.71
CA VAL A 207 9.07 -22.04 1.61
C VAL A 207 7.94 -21.11 1.21
N LEU A 208 8.29 -19.88 0.82
CA LEU A 208 7.28 -18.90 0.37
C LEU A 208 6.58 -19.40 -0.90
N GLN A 209 7.32 -20.13 -1.75
CA GLN A 209 6.81 -20.72 -3.00
C GLN A 209 5.74 -21.70 -2.53
N LYS A 210 6.17 -22.69 -1.76
CA LYS A 210 5.26 -23.69 -1.25
C LYS A 210 4.02 -23.03 -0.69
N LEU A 211 4.16 -22.14 0.28
CA LEU A 211 3.02 -21.44 0.89
C LEU A 211 2.03 -20.90 -0.12
N GLY A 212 2.48 -20.74 -1.36
CA GLY A 212 1.61 -20.25 -2.41
C GLY A 212 1.71 -18.77 -2.71
N ALA A 213 2.85 -18.16 -2.40
CA ALA A 213 3.03 -16.74 -2.62
C ALA A 213 3.61 -16.48 -3.99
N ASP A 214 3.18 -15.39 -4.62
CA ASP A 214 3.67 -15.02 -5.93
C ASP A 214 4.64 -13.91 -5.83
N ALA A 215 4.41 -13.02 -4.86
CA ALA A 215 5.32 -11.92 -4.60
C ALA A 215 5.58 -11.86 -3.09
N VAL A 216 6.76 -11.35 -2.68
CA VAL A 216 7.14 -11.23 -1.27
C VAL A 216 7.52 -9.78 -1.00
N GLY A 217 7.09 -9.23 0.12
CA GLY A 217 7.39 -7.84 0.41
C GLY A 217 7.44 -7.65 1.90
N MET A 218 7.63 -6.42 2.36
CA MET A 218 7.77 -6.15 3.78
C MET A 218 6.83 -5.08 4.29
N SER A 219 5.70 -4.91 3.62
CA SER A 219 4.71 -3.89 3.97
C SER A 219 3.33 -4.26 3.39
N THR A 220 2.43 -3.28 3.29
CA THR A 220 1.07 -3.43 2.73
C THR A 220 0.02 -4.16 3.58
N VAL A 221 0.23 -5.42 3.92
CA VAL A 221 -0.77 -6.12 4.71
C VAL A 221 -1.24 -5.39 5.99
N PRO A 222 -0.34 -4.76 6.78
CA PRO A 222 -0.88 -4.08 7.97
C PRO A 222 -1.92 -3.02 7.51
N GLU A 223 -1.52 -2.19 6.55
CA GLU A 223 -2.39 -1.13 6.03
C GLU A 223 -3.69 -1.69 5.41
N VAL A 224 -3.61 -2.76 4.63
CA VAL A 224 -4.79 -3.36 4.04
C VAL A 224 -5.75 -3.79 5.17
N ILE A 225 -5.22 -4.53 6.14
CA ILE A 225 -6.00 -5.00 7.29
C ILE A 225 -6.79 -3.90 8.04
N VAL A 226 -6.14 -2.82 8.43
CA VAL A 226 -6.92 -1.83 9.15
C VAL A 226 -7.86 -1.06 8.23
N ALA A 227 -7.55 -1.06 6.93
CA ALA A 227 -8.41 -0.37 5.97
C ALA A 227 -9.71 -1.15 6.01
N ARG A 228 -9.61 -2.47 5.88
CA ARG A 228 -10.78 -3.33 5.93
C ARG A 228 -11.49 -3.16 7.25
N HIS A 229 -10.75 -3.17 8.33
CA HIS A 229 -11.42 -3.03 9.62
C HIS A 229 -12.33 -1.82 9.61
N CYS A 230 -11.87 -0.77 8.95
CA CYS A 230 -12.58 0.49 8.84
C CYS A 230 -13.74 0.43 7.86
N GLY A 231 -13.59 -0.38 6.83
CA GLY A 231 -14.62 -0.47 5.84
C GLY A 231 -14.11 0.19 4.57
N LEU A 232 -12.81 0.31 4.43
CA LEU A 232 -12.30 0.94 3.23
C LEU A 232 -12.28 -0.09 2.12
N ARG A 233 -12.56 0.36 0.91
CA ARG A 233 -12.52 -0.49 -0.27
C ARG A 233 -11.03 -0.60 -0.45
N VAL A 234 -10.52 -1.77 -0.77
CA VAL A 234 -9.10 -1.82 -0.87
C VAL A 234 -8.63 -2.53 -2.10
N PHE A 235 -7.66 -1.94 -2.80
CA PHE A 235 -7.02 -2.59 -3.95
C PHE A 235 -5.58 -2.07 -4.03
N GLY A 236 -4.71 -2.86 -4.63
CA GLY A 236 -3.32 -2.47 -4.73
C GLY A 236 -2.53 -3.33 -5.70
N PHE A 237 -1.37 -2.82 -6.09
CA PHE A 237 -0.48 -3.43 -7.06
C PHE A 237 0.81 -3.67 -6.33
N SER A 238 1.70 -4.37 -6.98
CA SER A 238 2.99 -4.71 -6.43
C SER A 238 3.92 -4.58 -7.62
N LEU A 239 4.95 -3.75 -7.52
CA LEU A 239 5.94 -3.59 -8.59
C LEU A 239 7.06 -4.65 -8.41
N ILE A 240 7.05 -5.70 -9.24
CA ILE A 240 8.09 -6.74 -9.15
C ILE A 240 9.44 -6.11 -9.49
N THR A 241 10.25 -5.81 -8.47
CA THR A 241 11.54 -5.18 -8.69
C THR A 241 12.70 -6.15 -8.90
N ASN A 242 12.52 -7.41 -8.53
CA ASN A 242 13.58 -8.41 -8.67
C ASN A 242 13.02 -9.81 -8.64
N LYS A 243 13.81 -10.79 -9.07
CA LYS A 243 13.35 -12.17 -9.04
C LYS A 243 14.08 -12.81 -7.86
N VAL A 244 13.32 -13.25 -6.88
CA VAL A 244 13.93 -13.85 -5.70
C VAL A 244 14.57 -15.13 -6.19
N ILE A 245 15.84 -15.32 -5.80
CA ILE A 245 16.65 -16.49 -6.17
C ILE A 245 16.17 -17.80 -5.51
N MET A 246 15.43 -18.61 -6.27
CA MET A 246 14.88 -19.86 -5.77
C MET A 246 15.76 -21.07 -6.03
N ASP A 247 17.00 -20.85 -6.47
CA ASP A 247 17.92 -21.95 -6.75
C ASP A 247 19.31 -21.61 -6.24
N TYR A 248 20.15 -22.63 -6.11
CA TYR A 248 21.48 -22.40 -5.62
C TYR A 248 22.53 -22.11 -6.71
N GLU A 249 22.30 -21.08 -7.51
CA GLU A 249 23.24 -20.68 -8.58
C GLU A 249 22.85 -19.25 -8.95
N SER A 250 22.13 -19.12 -10.06
CA SER A 250 21.62 -17.86 -10.61
C SER A 250 22.51 -16.60 -10.59
N LEU A 251 22.65 -15.99 -9.41
CA LEU A 251 23.42 -14.76 -9.22
C LEU A 251 22.60 -13.53 -9.63
N GLU A 252 21.67 -13.73 -10.57
CA GLU A 252 20.76 -12.65 -11.00
C GLU A 252 20.23 -12.21 -9.65
N LYS A 253 20.69 -11.06 -9.20
CA LYS A 253 20.30 -10.62 -7.88
C LYS A 253 18.95 -9.95 -7.73
N ALA A 254 18.40 -10.18 -6.53
CA ALA A 254 17.14 -9.63 -6.07
C ALA A 254 17.62 -8.45 -5.18
N ASN A 255 17.14 -7.24 -5.43
CA ASN A 255 17.63 -6.13 -4.63
C ASN A 255 16.89 -4.78 -4.59
N HIS A 256 17.25 -4.00 -3.56
CA HIS A 256 16.72 -2.65 -3.29
C HIS A 256 17.74 -1.64 -3.78
N GLU A 257 18.98 -1.87 -3.39
CA GLU A 257 20.03 -0.97 -3.81
C GLU A 257 19.96 -1.05 -5.36
N GLU A 258 19.44 -2.19 -5.84
CA GLU A 258 19.21 -2.46 -7.26
C GLU A 258 17.70 -2.23 -7.50
N VAL A 259 17.18 -1.11 -7.00
CA VAL A 259 15.76 -0.82 -7.17
C VAL A 259 15.55 0.11 -8.40
N LEU A 260 16.48 0.03 -9.36
CA LEU A 260 16.40 0.82 -10.59
C LEU A 260 15.09 0.47 -11.28
N ALA A 261 14.55 -0.73 -11.01
CA ALA A 261 13.27 -1.15 -11.58
C ALA A 261 12.27 -0.10 -11.09
N ALA A 262 12.24 0.11 -9.77
CA ALA A 262 11.36 1.09 -9.13
C ALA A 262 11.82 2.52 -9.43
N GLY A 263 12.97 2.65 -10.05
CA GLY A 263 13.47 3.95 -10.42
C GLY A 263 13.56 3.92 -11.94
N LYS A 264 12.66 3.15 -12.58
CA LYS A 264 12.66 3.01 -14.03
C LYS A 264 11.32 3.35 -14.62
N GLN A 265 11.21 3.15 -15.94
CA GLN A 265 9.98 3.41 -16.70
C GLN A 265 8.93 2.54 -16.05
N ALA A 266 9.37 1.38 -15.60
CA ALA A 266 8.52 0.41 -14.93
C ALA A 266 7.70 1.13 -13.88
N ALA A 267 8.38 1.86 -13.02
CA ALA A 267 7.68 2.59 -11.98
C ALA A 267 6.79 3.63 -12.64
N GLN A 268 7.39 4.42 -13.54
CA GLN A 268 6.68 5.48 -14.24
C GLN A 268 5.31 5.05 -14.82
N LYS A 269 5.24 3.86 -15.39
CA LYS A 269 4.00 3.41 -15.95
C LYS A 269 2.97 3.05 -14.87
N LEU A 270 3.39 2.45 -13.75
CA LEU A 270 2.41 2.14 -12.69
C LEU A 270 1.80 3.45 -12.20
N GLU A 271 2.57 4.51 -12.30
CA GLU A 271 2.10 5.81 -11.89
C GLU A 271 0.92 6.30 -12.73
N GLN A 272 0.98 6.10 -14.04
CA GLN A 272 -0.15 6.52 -14.89
C GLN A 272 -1.27 5.48 -14.82
N PHE A 273 -0.93 4.22 -14.57
CA PHE A 273 -1.93 3.18 -14.46
C PHE A 273 -2.83 3.53 -13.30
N VAL A 274 -2.20 3.90 -12.18
CA VAL A 274 -2.92 4.29 -10.98
C VAL A 274 -3.72 5.59 -11.19
N SER A 275 -3.20 6.48 -12.04
CA SER A 275 -3.86 7.75 -12.34
C SER A 275 -5.14 7.44 -13.15
N ILE A 276 -5.05 6.51 -14.10
CA ILE A 276 -6.21 6.16 -14.90
C ILE A 276 -7.31 5.56 -14.06
N LEU A 277 -6.93 4.62 -13.19
CA LEU A 277 -7.91 3.97 -12.32
C LEU A 277 -8.67 4.97 -11.43
N MET A 278 -8.16 6.19 -11.26
CA MET A 278 -8.88 7.15 -10.43
C MET A 278 -10.31 7.28 -10.94
N ALA A 279 -10.42 7.36 -12.27
CA ALA A 279 -11.69 7.48 -12.97
C ALA A 279 -12.64 6.33 -12.71
N SER A 280 -12.11 5.20 -12.29
CA SER A 280 -12.92 4.02 -12.03
C SER A 280 -13.18 3.76 -10.55
N ILE A 281 -12.75 4.69 -9.68
CA ILE A 281 -13.00 4.52 -8.25
C ILE A 281 -14.32 5.22 -8.07
N PRO A 282 -15.34 4.47 -7.63
CA PRO A 282 -16.70 4.94 -7.39
C PRO A 282 -16.77 6.17 -6.50
N LEU A 283 -17.57 7.13 -6.91
CA LEU A 283 -17.71 8.34 -6.13
C LEU A 283 -18.60 8.01 -4.97
N PRO A 284 -18.46 8.73 -3.84
CA PRO A 284 -19.25 8.57 -2.62
C PRO A 284 -20.73 8.73 -2.89
N ASP A 285 -21.04 9.38 -4.01
CA ASP A 285 -22.42 9.61 -4.41
C ASP A 285 -23.05 8.36 -5.07
N LYS A 286 -22.19 7.47 -5.58
CA LYS A 286 -22.62 6.25 -6.30
C LYS A 286 -23.09 6.80 -7.67
N ALA A 287 -24.17 7.57 -7.64
CA ALA A 287 -24.77 8.22 -8.81
C ALA A 287 -25.78 7.43 -9.69
N SER A 288 -25.35 6.95 -10.86
CA SER A 288 -26.24 6.20 -11.76
C SER A 288 -25.45 5.57 -12.93
#